data_9G3K
#
_entry.id   9G3K
#
_cell.length_a   50.351
_cell.length_b   80.166
_cell.length_c   52.406
_cell.angle_alpha   90.000
_cell.angle_beta   109.361
_cell.angle_gamma   90.000
#
_symmetry.space_group_name_H-M   'P 1 21 1'
#
loop_
_entity.id
_entity.type
_entity.pdbx_description
1 polymer 'Fucose-binding lectin PA-IIL'
2 non-polymer 'CALCIUM ION'
3 non-polymer 'SULFATE ION'
4 non-polymer 5-[3-(aminomethyl)phenyl]-~{N}-[(2~{S},3~{S},4~{R},5~{S},6~{S})-6-methyl-3,4,5-tris(oxidanyl)oxan-2-yl]furan-2-carboxamide
5 water water
#
_entity_poly.entity_id   1
_entity_poly.type   'polypeptide(L)'
_entity_poly.pdbx_seq_one_letter_code
;ATQGVFTLPANTRFGVTAFANSSGTQTVNVLVNNETAATFSGQSTNNAVIGTQVLNSGSSGKVQVQVSVNGRPSDLVSAQ
VILTNELNFALVGSEDGTDNDYNDAVVVINWPLG
;
_entity_poly.pdbx_strand_id   A,B,C,D
#
loop_
_chem_comp.id
_chem_comp.type
_chem_comp.name
_chem_comp.formula
CA non-polymer 'CALCIUM ION' 'Ca 2'
R7E non-polymer 5-[3-(aminomethyl)phenyl]-~{N}-[(2~{S},3~{S},4~{R},5~{S},6~{S})-6-methyl-3,4,5-tris(oxidanyl)oxan-2-yl]furan-2-carboxamide 'C18 H22 N2 O6'
SO4 non-polymer 'SULFATE ION' 'O4 S -2'
#
# COMPACT_ATOMS: atom_id res chain seq x y z
N ALA A 1 2.26 -1.54 17.63
CA ALA A 1 2.68 -2.73 16.84
C ALA A 1 4.13 -2.53 16.45
N THR A 2 4.81 -3.67 16.33
CA THR A 2 6.17 -3.63 15.84
C THR A 2 6.14 -3.08 14.42
N GLN A 3 7.18 -2.34 14.09
CA GLN A 3 7.31 -1.72 12.79
C GLN A 3 8.75 -1.94 12.31
N GLY A 4 8.95 -1.94 11.00
CA GLY A 4 10.25 -2.09 10.42
C GLY A 4 10.80 -3.51 10.35
N VAL A 5 9.91 -4.48 10.56
CA VAL A 5 10.28 -5.90 10.48
C VAL A 5 9.56 -6.54 9.30
N PHE A 6 10.31 -7.27 8.47
CA PHE A 6 9.75 -7.83 7.24
C PHE A 6 10.24 -9.25 7.10
N THR A 7 9.38 -10.14 6.57
CA THR A 7 9.74 -11.51 6.22
C THR A 7 9.88 -11.58 4.71
N LEU A 8 11.11 -11.79 4.26
CA LEU A 8 11.43 -11.95 2.87
C LEU A 8 11.54 -13.46 2.60
N PRO A 9 11.46 -13.87 1.33
CA PRO A 9 11.84 -15.22 0.99
C PRO A 9 13.29 -15.49 1.35
N ALA A 10 13.62 -16.76 1.65
CA ALA A 10 14.99 -17.10 2.01
C ALA A 10 15.93 -16.95 0.83
N ASN A 11 17.19 -16.62 1.17
CA ASN A 11 18.30 -16.64 0.22
C ASN A 11 18.03 -15.76 -1.01
N THR A 12 17.39 -14.61 -0.78
CA THR A 12 16.99 -13.71 -1.83
C THR A 12 17.70 -12.35 -1.68
N ARG A 13 18.25 -11.88 -2.81
N ARG A 13 18.26 -11.88 -2.81
CA ARG A 13 18.86 -10.56 -2.82
CA ARG A 13 18.87 -10.57 -2.83
C ARG A 13 17.79 -9.49 -2.76
C ARG A 13 17.79 -9.49 -2.76
N PHE A 14 18.05 -8.42 -2.01
CA PHE A 14 17.12 -7.32 -1.94
C PHE A 14 17.93 -6.03 -1.85
N GLY A 15 17.35 -4.96 -2.36
CA GLY A 15 17.96 -3.64 -2.27
C GLY A 15 17.47 -2.92 -1.03
N VAL A 16 18.36 -2.13 -0.41
CA VAL A 16 17.96 -1.25 0.67
C VAL A 16 18.65 0.08 0.45
N THR A 17 17.84 1.14 0.50
CA THR A 17 18.32 2.50 0.25
C THR A 17 17.72 3.42 1.30
N ALA A 18 18.51 4.39 1.78
CA ALA A 18 18.02 5.31 2.78
C ALA A 18 18.19 6.77 2.43
N PHE A 19 17.25 7.62 2.84
CA PHE A 19 17.24 9.04 2.59
C PHE A 19 17.14 9.75 3.94
N ALA A 20 17.72 10.95 4.05
CA ALA A 20 17.62 11.74 5.28
C ALA A 20 16.90 13.10 5.05
N ASN A 21 16.05 13.45 6.04
CA ASN A 21 15.31 14.70 6.02
C ASN A 21 15.22 15.22 7.45
N SER A 22 16.34 15.66 7.99
CA SER A 22 16.39 16.06 9.39
C SER A 22 17.63 16.86 9.72
N SER A 23 17.55 17.67 10.77
N SER A 23 17.56 17.67 10.77
CA SER A 23 18.76 18.28 11.32
CA SER A 23 18.76 18.28 11.33
C SER A 23 19.64 17.26 12.03
C SER A 23 19.64 17.25 12.02
N GLY A 24 19.03 16.16 12.50
CA GLY A 24 19.75 15.12 13.18
C GLY A 24 20.47 14.17 12.23
N THR A 25 21.67 13.71 12.64
CA THR A 25 22.40 12.75 11.84
C THR A 25 21.75 11.41 12.06
N GLN A 26 21.35 10.75 10.96
CA GLN A 26 20.65 9.51 11.04
C GLN A 26 21.64 8.34 10.98
N THR A 27 21.41 7.28 11.80
CA THR A 27 22.10 6.01 11.65
C THR A 27 21.00 4.99 11.32
N VAL A 28 21.13 4.31 10.18
CA VAL A 28 20.23 3.27 9.76
C VAL A 28 20.99 1.95 9.85
N ASN A 29 20.44 1.00 10.60
CA ASN A 29 20.99 -0.32 10.70
C ASN A 29 20.01 -1.29 10.09
N VAL A 30 20.49 -2.12 9.16
CA VAL A 30 19.67 -3.16 8.54
C VAL A 30 20.16 -4.49 9.10
N LEU A 31 19.27 -5.23 9.77
CA LEU A 31 19.60 -6.47 10.44
C LEU A 31 19.03 -7.57 9.55
N VAL A 32 19.83 -8.60 9.33
CA VAL A 32 19.38 -9.80 8.66
C VAL A 32 19.64 -10.90 9.70
N ASN A 33 18.64 -11.71 9.97
CA ASN A 33 18.77 -12.72 11.01
C ASN A 33 19.23 -12.12 12.34
N ASN A 34 18.72 -10.92 12.70
CA ASN A 34 18.95 -10.27 13.97
C ASN A 34 20.40 -9.80 14.15
N GLU A 35 21.16 -9.74 13.07
CA GLU A 35 22.54 -9.30 13.12
C GLU A 35 22.68 -8.20 12.09
N THR A 36 23.43 -7.16 12.47
CA THR A 36 23.56 -6.00 11.59
C THR A 36 24.31 -6.41 10.33
N ALA A 37 23.71 -6.21 9.17
CA ALA A 37 24.25 -6.55 7.88
C ALA A 37 24.67 -5.33 7.04
N ALA A 38 24.15 -4.16 7.40
CA ALA A 38 24.51 -2.91 6.76
C ALA A 38 24.24 -1.79 7.72
N THR A 39 25.12 -0.76 7.70
CA THR A 39 24.90 0.45 8.45
C THR A 39 25.13 1.64 7.55
N PHE A 40 24.20 2.58 7.55
CA PHE A 40 24.29 3.78 6.78
C PHE A 40 24.21 4.98 7.73
N SER A 41 24.86 6.08 7.38
CA SER A 41 24.67 7.27 8.20
C SER A 41 24.81 8.48 7.28
N GLY A 42 24.08 9.51 7.68
CA GLY A 42 24.25 10.79 7.01
C GLY A 42 23.31 11.82 7.60
N GLN A 43 23.46 13.04 7.08
CA GLN A 43 22.59 14.10 7.50
C GLN A 43 22.26 14.95 6.29
N SER A 44 20.98 15.21 6.11
CA SER A 44 20.48 16.05 5.05
C SER A 44 19.13 16.59 5.47
N THR A 45 18.76 17.77 4.98
CA THR A 45 17.39 18.26 5.10
C THR A 45 16.77 18.25 3.72
N ASN A 46 17.42 17.66 2.74
CA ASN A 46 16.97 17.69 1.34
C ASN A 46 16.97 16.31 0.67
N ASN A 47 16.66 15.23 1.44
CA ASN A 47 16.40 13.91 0.90
C ASN A 47 17.64 13.26 0.32
N ALA A 48 18.84 13.67 0.76
CA ALA A 48 20.02 13.00 0.23
C ALA A 48 19.96 11.50 0.49
N VAL A 49 20.47 10.73 -0.47
CA VAL A 49 20.69 9.31 -0.26
C VAL A 49 21.86 9.18 0.69
N ILE A 50 21.63 8.50 1.80
CA ILE A 50 22.66 8.29 2.81
C ILE A 50 23.20 6.87 2.80
N GLY A 51 22.62 5.99 2.00
CA GLY A 51 23.21 4.70 1.77
C GLY A 51 22.38 3.88 0.82
N THR A 52 23.04 3.00 0.10
CA THR A 52 22.32 1.97 -0.67
C THR A 52 23.20 0.73 -0.71
N GLN A 53 22.57 -0.43 -0.67
CA GLN A 53 23.30 -1.68 -0.65
C GLN A 53 22.39 -2.80 -1.13
N VAL A 54 23.01 -3.85 -1.65
CA VAL A 54 22.29 -5.07 -1.95
C VAL A 54 22.72 -6.09 -0.90
N LEU A 55 21.76 -6.73 -0.32
CA LEU A 55 21.95 -7.73 0.70
C LEU A 55 21.28 -9.04 0.35
N ASN A 56 21.64 -10.10 1.04
CA ASN A 56 20.99 -11.40 0.88
C ASN A 56 20.18 -11.71 2.14
N SER A 57 18.92 -12.09 1.95
CA SER A 57 18.03 -12.36 3.06
C SER A 57 18.50 -13.54 3.90
N GLY A 58 19.31 -14.40 3.28
CA GLY A 58 19.92 -15.50 4.00
C GLY A 58 18.89 -16.59 4.33
N SER A 59 19.31 -17.49 5.25
CA SER A 59 18.44 -18.63 5.50
C SER A 59 17.15 -18.27 6.21
N SER A 60 17.17 -17.19 7.03
CA SER A 60 16.03 -16.82 7.83
C SER A 60 14.98 -15.98 7.09
N GLY A 61 15.42 -15.20 6.12
CA GLY A 61 14.52 -14.23 5.48
C GLY A 61 14.08 -13.11 6.44
N LYS A 62 14.69 -13.01 7.63
CA LYS A 62 14.27 -12.01 8.61
C LYS A 62 15.03 -10.71 8.38
N VAL A 63 14.33 -9.62 8.01
CA VAL A 63 14.95 -8.33 7.76
C VAL A 63 14.33 -7.30 8.68
N GLN A 64 15.17 -6.52 9.35
CA GLN A 64 14.66 -5.48 10.24
C GLN A 64 15.46 -4.20 10.01
N VAL A 65 14.73 -3.10 9.95
CA VAL A 65 15.32 -1.78 9.91
C VAL A 65 15.18 -1.08 11.24
N GLN A 66 16.31 -0.53 11.72
CA GLN A 66 16.33 0.29 12.92
C GLN A 66 16.98 1.62 12.59
N VAL A 67 16.49 2.67 13.20
CA VAL A 67 17.02 4.01 12.96
C VAL A 67 17.29 4.68 14.28
N SER A 68 18.43 5.32 14.40
CA SER A 68 18.70 6.07 15.63
C SER A 68 19.34 7.41 15.33
N VAL A 69 19.19 8.31 16.31
CA VAL A 69 19.76 9.62 16.22
C VAL A 69 20.33 9.89 17.61
N ASN A 70 21.63 10.16 17.70
CA ASN A 70 22.24 10.47 19.02
C ASN A 70 22.01 9.34 20.04
N GLY A 71 22.08 8.12 19.58
CA GLY A 71 21.97 6.95 20.44
C GLY A 71 20.53 6.65 20.81
N ARG A 72 19.57 7.48 20.34
CA ARG A 72 18.18 7.18 20.69
C ARG A 72 17.41 6.57 19.51
N PRO A 73 16.69 5.49 19.74
CA PRO A 73 15.89 4.88 18.68
C PRO A 73 14.77 5.80 18.26
N SER A 74 14.62 5.96 16.95
CA SER A 74 13.53 6.71 16.37
C SER A 74 12.28 5.85 16.37
N ASP A 75 11.15 6.54 16.39
CA ASP A 75 9.88 5.84 16.25
C ASP A 75 9.69 5.51 14.78
N LEU A 76 9.26 4.30 14.50
CA LEU A 76 9.13 3.85 13.11
C LEU A 76 7.69 3.65 12.66
N VAL A 77 7.50 3.84 11.37
CA VAL A 77 6.27 3.44 10.69
C VAL A 77 6.64 2.63 9.47
N SER A 78 5.85 1.66 9.06
CA SER A 78 6.26 0.77 7.98
C SER A 78 5.05 0.06 7.39
N ALA A 79 5.24 -0.41 6.13
CA ALA A 79 4.29 -1.27 5.47
C ALA A 79 5.01 -1.98 4.32
N GLN A 80 4.39 -3.03 3.79
CA GLN A 80 4.82 -3.70 2.58
C GLN A 80 3.73 -3.60 1.53
N VAL A 81 4.17 -3.28 0.28
N VAL A 81 4.15 -3.29 0.29
CA VAL A 81 3.24 -3.20 -0.83
CA VAL A 81 3.21 -3.23 -0.83
C VAL A 81 3.75 -4.16 -1.90
C VAL A 81 3.75 -4.15 -1.93
N ILE A 82 2.83 -4.87 -2.57
CA ILE A 82 3.13 -5.78 -3.67
C ILE A 82 2.34 -5.31 -4.89
N LEU A 83 3.03 -5.08 -5.99
CA LEU A 83 2.41 -4.68 -7.25
C LEU A 83 2.48 -5.82 -8.26
N THR A 84 1.39 -6.00 -9.02
CA THR A 84 1.19 -7.06 -10.02
C THR A 84 1.66 -8.43 -9.52
N ASN A 85 1.45 -8.68 -8.23
CA ASN A 85 1.76 -9.93 -7.57
C ASN A 85 3.22 -10.33 -7.66
N GLU A 86 4.10 -9.36 -7.94
CA GLU A 86 5.49 -9.71 -8.22
C GLU A 86 6.51 -8.73 -7.62
N LEU A 87 6.22 -7.46 -7.59
CA LEU A 87 7.16 -6.44 -7.23
C LEU A 87 6.90 -5.98 -5.80
N ASN A 88 7.89 -6.19 -4.92
CA ASN A 88 7.72 -5.93 -3.52
C ASN A 88 8.49 -4.71 -3.03
N PHE A 89 7.80 -3.90 -2.23
CA PHE A 89 8.43 -2.76 -1.54
C PHE A 89 8.16 -2.89 -0.06
N ALA A 90 9.22 -2.77 0.74
CA ALA A 90 9.06 -2.66 2.18
C ALA A 90 9.51 -1.23 2.51
N LEU A 91 8.61 -0.43 3.11
CA LEU A 91 8.78 0.99 3.30
C LEU A 91 8.84 1.32 4.77
N VAL A 92 9.79 2.20 5.15
CA VAL A 92 9.99 2.63 6.50
C VAL A 92 10.09 4.14 6.58
N GLY A 93 9.35 4.74 7.53
CA GLY A 93 9.64 6.11 7.91
C GLY A 93 10.01 6.16 9.39
N SER A 94 10.61 7.25 9.81
CA SER A 94 11.12 7.33 11.15
C SER A 94 11.02 8.78 11.61
N GLU A 95 10.74 8.91 12.93
CA GLU A 95 10.59 10.22 13.59
C GLU A 95 11.59 10.36 14.73
N ASP A 96 12.41 11.40 14.68
CA ASP A 96 13.48 11.62 15.65
C ASP A 96 13.14 12.72 16.64
N GLY A 97 11.99 13.38 16.44
CA GLY A 97 11.66 14.62 17.15
C GLY A 97 10.18 14.67 17.46
N THR A 98 9.63 15.90 17.34
CA THR A 98 8.32 16.25 17.83
C THR A 98 7.37 16.65 16.72
N ASP A 99 7.85 16.87 15.48
CA ASP A 99 6.98 17.40 14.43
C ASP A 99 6.19 16.33 13.68
N ASN A 100 6.48 15.06 13.94
CA ASN A 100 5.73 13.94 13.37
C ASN A 100 5.62 14.01 11.87
N ASP A 101 6.70 14.40 11.17
CA ASP A 101 6.73 14.25 9.74
C ASP A 101 7.14 12.84 9.29
N TYR A 102 7.83 12.07 10.14
CA TYR A 102 8.20 10.69 9.91
C TYR A 102 9.06 10.47 8.67
N ASN A 103 9.77 11.53 8.23
CA ASN A 103 10.67 11.40 7.10
C ASN A 103 12.12 11.60 7.46
N ASP A 104 12.43 11.53 8.76
CA ASP A 104 13.75 11.94 9.22
C ASP A 104 14.80 10.99 8.63
N ALA A 105 14.54 9.70 8.67
CA ALA A 105 15.16 8.76 7.76
C ALA A 105 14.01 8.00 7.10
N VAL A 106 14.12 7.82 5.80
CA VAL A 106 13.18 7.10 4.98
C VAL A 106 13.97 5.96 4.37
N VAL A 107 13.44 4.72 4.50
CA VAL A 107 14.14 3.53 4.04
C VAL A 107 13.22 2.78 3.09
N VAL A 108 13.76 2.39 1.94
CA VAL A 108 13.05 1.63 0.93
C VAL A 108 13.81 0.33 0.68
N ILE A 109 13.08 -0.79 0.85
CA ILE A 109 13.60 -2.10 0.55
C ILE A 109 12.82 -2.63 -0.65
N ASN A 110 13.53 -3.17 -1.67
CA ASN A 110 12.82 -3.67 -2.82
C ASN A 110 13.38 -5.01 -3.26
N TRP A 111 12.47 -5.87 -3.73
CA TRP A 111 12.87 -7.16 -4.28
C TRP A 111 11.73 -7.67 -5.12
N PRO A 112 11.97 -8.60 -6.07
CA PRO A 112 13.29 -9.13 -6.38
C PRO A 112 14.13 -8.19 -7.20
N LEU A 113 15.40 -8.53 -7.28
CA LEU A 113 16.37 -7.80 -8.08
C LEU A 113 16.68 -8.60 -9.34
N GLY A 114 17.50 -8.01 -10.18
CA GLY A 114 17.98 -8.74 -11.32
C GLY A 114 17.07 -8.80 -12.52
N ALA B 1 -5.61 0.28 -16.76
CA ALA B 1 -5.72 1.61 -16.11
C ALA B 1 -4.42 2.36 -16.29
N THR B 2 -4.52 3.71 -16.36
CA THR B 2 -3.31 4.55 -16.38
C THR B 2 -2.50 4.24 -15.11
N GLN B 3 -1.20 4.17 -15.35
CA GLN B 3 -0.25 3.92 -14.31
C GLN B 3 0.89 4.90 -14.43
N GLY B 4 1.51 5.17 -13.30
CA GLY B 4 2.65 6.06 -13.26
C GLY B 4 2.31 7.54 -13.15
N VAL B 5 1.06 7.91 -12.86
CA VAL B 5 0.58 9.26 -12.74
C VAL B 5 0.13 9.49 -11.32
N PHE B 6 0.61 10.57 -10.68
CA PHE B 6 0.31 10.79 -9.28
C PHE B 6 -0.02 12.26 -9.04
N THR B 7 -1.03 12.52 -8.23
CA THR B 7 -1.33 13.90 -7.86
C THR B 7 -0.70 14.19 -6.50
N LEU B 8 0.35 14.99 -6.50
CA LEU B 8 0.99 15.49 -5.32
C LEU B 8 0.35 16.78 -4.90
N PRO B 9 0.55 17.19 -3.65
CA PRO B 9 0.13 18.53 -3.23
C PRO B 9 0.88 19.52 -4.12
N ALA B 10 0.23 20.62 -4.47
CA ALA B 10 0.84 21.60 -5.35
C ALA B 10 2.03 22.28 -4.69
N ASN B 11 2.99 22.72 -5.53
CA ASN B 11 4.11 23.54 -5.11
C ASN B 11 4.86 22.94 -3.91
N THR B 12 5.13 21.62 -3.97
CA THR B 12 5.72 20.89 -2.87
C THR B 12 6.91 20.13 -3.42
N ARG B 13 8.02 20.21 -2.70
CA ARG B 13 9.20 19.45 -3.07
C ARG B 13 9.02 17.95 -2.81
N PHE B 14 9.57 17.14 -3.72
CA PHE B 14 9.48 15.71 -3.55
C PHE B 14 10.80 15.10 -4.06
N GLY B 15 11.13 13.93 -3.57
CA GLY B 15 12.27 13.22 -4.09
C GLY B 15 11.84 12.19 -5.12
N VAL B 16 12.68 11.95 -6.12
CA VAL B 16 12.41 10.92 -7.10
C VAL B 16 13.73 10.18 -7.29
N THR B 17 13.67 8.84 -7.23
CA THR B 17 14.85 8.02 -7.31
C THR B 17 14.53 6.82 -8.17
N ALA B 18 15.49 6.40 -9.02
CA ALA B 18 15.33 5.30 -9.94
C ALA B 18 16.36 4.19 -9.74
N PHE B 19 15.91 2.93 -9.82
CA PHE B 19 16.78 1.77 -9.68
C PHE B 19 16.66 0.94 -10.95
N ALA B 20 17.73 0.30 -11.35
CA ALA B 20 17.72 -0.56 -12.53
C ALA B 20 17.96 -2.04 -12.19
N ASN B 21 17.23 -2.94 -12.87
CA ASN B 21 17.36 -4.40 -12.73
C ASN B 21 17.05 -5.07 -14.06
N SER B 22 17.92 -4.86 -15.05
CA SER B 22 17.65 -5.39 -16.37
C SER B 22 18.95 -5.40 -17.16
N SER B 23 19.05 -6.33 -18.13
CA SER B 23 20.18 -6.23 -19.06
C SER B 23 20.08 -5.03 -19.99
N GLY B 24 18.89 -4.52 -20.20
CA GLY B 24 18.67 -3.37 -21.05
C GLY B 24 18.92 -2.05 -20.32
N THR B 25 19.45 -1.02 -21.04
CA THR B 25 19.65 0.28 -20.49
C THR B 25 18.31 0.94 -20.31
N GLN B 26 18.03 1.38 -19.08
CA GLN B 26 16.75 2.02 -18.77
C GLN B 26 16.86 3.50 -18.99
N THR B 27 15.77 4.16 -19.39
CA THR B 27 15.66 5.60 -19.46
C THR B 27 14.36 5.95 -18.76
N VAL B 28 14.43 6.71 -17.69
CA VAL B 28 13.31 7.14 -16.86
C VAL B 28 13.11 8.62 -17.06
N ASN B 29 11.91 9.00 -17.48
N ASN B 29 11.90 8.98 -17.46
CA ASN B 29 11.56 10.39 -17.59
CA ASN B 29 11.48 10.35 -17.66
C ASN B 29 10.53 10.74 -16.52
C ASN B 29 10.49 10.73 -16.55
N VAL B 30 10.76 11.82 -15.82
CA VAL B 30 9.84 12.37 -14.83
C VAL B 30 9.27 13.67 -15.36
N LEU B 31 7.95 13.73 -15.50
CA LEU B 31 7.25 14.89 -16.02
C LEU B 31 6.56 15.61 -14.87
N VAL B 32 6.67 16.92 -14.85
CA VAL B 32 5.96 17.82 -13.97
C VAL B 32 5.29 18.82 -14.89
N ASN B 33 4.04 19.15 -14.65
CA ASN B 33 3.39 20.13 -15.51
C ASN B 33 3.32 19.60 -16.96
N ASN B 34 3.28 18.29 -17.16
CA ASN B 34 3.34 17.67 -18.48
C ASN B 34 4.60 18.04 -19.26
N GLU B 35 5.72 18.39 -18.59
CA GLU B 35 6.99 18.65 -19.23
C GLU B 35 8.10 17.85 -18.51
N THR B 36 9.10 17.33 -19.24
CA THR B 36 10.19 16.58 -18.63
C THR B 36 10.94 17.49 -17.66
N ALA B 37 11.04 17.01 -16.41
CA ALA B 37 11.73 17.74 -15.35
C ALA B 37 12.99 17.01 -14.91
N ALA B 38 13.05 15.71 -15.13
CA ALA B 38 14.26 14.94 -14.86
C ALA B 38 14.32 13.72 -15.77
N THR B 39 15.55 13.26 -16.11
CA THR B 39 15.78 12.07 -16.88
C THR B 39 16.92 11.30 -16.23
N PHE B 40 16.72 10.02 -15.98
CA PHE B 40 17.76 9.17 -15.45
C PHE B 40 17.98 8.01 -16.39
N SER B 41 19.18 7.44 -16.39
CA SER B 41 19.50 6.36 -17.24
C SER B 41 20.66 5.54 -16.68
N GLY B 42 20.61 4.23 -16.92
CA GLY B 42 21.71 3.36 -16.55
C GLY B 42 21.40 1.94 -16.86
N GLN B 43 22.29 1.04 -16.47
CA GLN B 43 22.14 -0.35 -16.78
C GLN B 43 22.73 -1.17 -15.66
N SER B 44 21.92 -1.92 -14.94
CA SER B 44 22.35 -2.76 -13.86
C SER B 44 21.40 -3.92 -13.67
N THR B 45 21.92 -5.06 -13.23
CA THR B 45 21.08 -6.16 -12.78
C THR B 45 21.19 -6.29 -11.27
N ASN B 46 21.63 -5.22 -10.58
CA ASN B 46 21.87 -5.26 -9.16
C ASN B 46 21.39 -3.99 -8.48
N ASN B 47 20.31 -3.41 -8.98
CA ASN B 47 19.59 -2.37 -8.28
C ASN B 47 20.36 -1.06 -8.18
N ALA B 48 21.23 -0.74 -9.13
CA ALA B 48 21.92 0.53 -9.11
C ALA B 48 20.95 1.70 -9.05
N VAL B 49 21.32 2.72 -8.27
CA VAL B 49 20.54 3.94 -8.16
C VAL B 49 21.01 4.83 -9.30
N ILE B 50 20.31 4.71 -10.40
CA ILE B 50 20.75 5.37 -11.63
C ILE B 50 20.51 6.88 -11.60
N GLY B 51 19.66 7.36 -10.71
CA GLY B 51 19.47 8.76 -10.54
C GLY B 51 18.58 9.07 -9.35
N THR B 52 18.77 10.28 -8.80
CA THR B 52 17.99 10.75 -7.68
C THR B 52 17.98 12.28 -7.75
N GLN B 53 16.84 12.90 -7.52
CA GLN B 53 16.71 14.34 -7.65
C GLN B 53 15.55 14.82 -6.81
N VAL B 54 15.65 16.06 -6.35
CA VAL B 54 14.58 16.77 -5.71
C VAL B 54 13.96 17.73 -6.72
N LEU B 55 12.62 17.64 -6.84
CA LEU B 55 11.85 18.42 -7.78
C LEU B 55 10.71 19.09 -7.04
N ASN B 56 10.09 20.08 -7.70
CA ASN B 56 8.88 20.71 -7.21
C ASN B 56 7.70 20.27 -8.02
N SER B 57 6.56 20.01 -7.36
CA SER B 57 5.40 19.43 -7.99
C SER B 57 4.65 20.44 -8.86
N GLY B 58 4.99 21.72 -8.69
CA GLY B 58 4.43 22.74 -9.58
C GLY B 58 2.96 23.04 -9.26
N SER B 59 2.32 23.81 -10.13
CA SER B 59 0.98 24.34 -9.86
C SER B 59 -0.12 23.27 -9.80
N SER B 60 -0.04 22.22 -10.65
CA SER B 60 -1.06 21.19 -10.72
C SER B 60 -0.79 20.05 -9.73
N GLY B 61 0.46 19.88 -9.33
CA GLY B 61 0.77 18.71 -8.52
C GLY B 61 0.88 17.41 -9.32
N LYS B 62 0.75 17.46 -10.64
CA LYS B 62 0.72 16.26 -11.47
C LYS B 62 2.13 15.85 -11.80
N VAL B 63 2.48 14.64 -11.34
CA VAL B 63 3.77 14.04 -11.63
C VAL B 63 3.53 12.75 -12.39
N GLN B 64 4.29 12.51 -13.45
CA GLN B 64 4.14 11.32 -14.27
C GLN B 64 5.49 10.72 -14.53
N VAL B 65 5.62 9.44 -14.37
CA VAL B 65 6.82 8.69 -14.67
C VAL B 65 6.60 7.91 -15.95
N GLN B 66 7.60 7.92 -16.86
CA GLN B 66 7.60 7.09 -18.03
C GLN B 66 8.96 6.40 -18.14
N VAL B 67 8.99 5.22 -18.68
CA VAL B 67 10.19 4.42 -18.77
C VAL B 67 10.28 3.94 -20.20
N SER B 68 11.48 4.03 -20.79
CA SER B 68 11.70 3.40 -22.09
C SER B 68 13.03 2.64 -22.09
N VAL B 69 13.13 1.65 -22.98
CA VAL B 69 14.32 0.84 -23.20
C VAL B 69 14.56 0.84 -24.71
N ASN B 70 15.65 1.48 -25.16
CA ASN B 70 15.94 1.72 -26.57
C ASN B 70 14.71 2.26 -27.33
N GLY B 71 14.14 3.33 -26.82
CA GLY B 71 13.03 4.02 -27.45
C GLY B 71 11.69 3.29 -27.32
N ARG B 72 11.68 2.06 -26.81
CA ARG B 72 10.45 1.29 -26.68
C ARG B 72 9.88 1.52 -25.26
N PRO B 73 8.63 2.00 -25.13
CA PRO B 73 8.00 2.28 -23.83
C PRO B 73 7.75 1.00 -23.07
N SER B 74 8.14 0.99 -21.78
CA SER B 74 7.93 -0.14 -20.91
C SER B 74 6.50 -0.07 -20.37
N ASP B 75 5.97 -1.23 -20.01
CA ASP B 75 4.68 -1.26 -19.35
C ASP B 75 4.90 -0.91 -17.87
N LEU B 76 3.93 -0.18 -17.29
CA LEU B 76 4.11 0.30 -15.91
C LEU B 76 3.10 -0.29 -14.97
N VAL B 77 3.49 -0.39 -13.71
CA VAL B 77 2.56 -0.64 -12.59
C VAL B 77 2.89 0.37 -11.52
N SER B 78 1.89 0.82 -10.73
CA SER B 78 2.15 1.86 -9.74
C SER B 78 1.10 1.80 -8.64
N ALA B 79 1.44 2.47 -7.54
CA ALA B 79 0.49 2.73 -6.45
C ALA B 79 1.08 3.83 -5.58
N GLN B 80 0.24 4.40 -4.73
CA GLN B 80 0.69 5.36 -3.72
C GLN B 80 0.34 4.82 -2.34
N VAL B 81 1.23 4.95 -1.37
N VAL B 81 1.24 4.95 -1.37
CA VAL B 81 0.95 4.50 -0.02
CA VAL B 81 0.99 4.50 -0.01
C VAL B 81 1.30 5.62 0.93
C VAL B 81 1.30 5.63 0.93
N ILE B 82 0.43 5.80 1.94
CA ILE B 82 0.56 6.85 2.95
C ILE B 82 0.67 6.18 4.31
N LEU B 83 1.75 6.47 5.02
CA LEU B 83 1.97 5.96 6.39
C LEU B 83 1.72 7.09 7.40
N THR B 84 1.09 6.73 8.53
CA THR B 84 0.71 7.63 9.64
C THR B 84 0.11 8.94 9.16
N ASN B 85 -0.65 8.84 8.07
CA ASN B 85 -1.38 9.98 7.53
C ASN B 85 -0.45 11.16 7.17
N GLU B 86 0.83 10.89 6.95
N GLU B 86 0.83 10.89 6.95
CA GLU B 86 1.80 11.98 6.77
CA GLU B 86 1.80 11.98 6.78
C GLU B 86 2.84 11.66 5.70
C GLU B 86 2.83 11.66 5.70
N LEU B 87 3.33 10.42 5.65
CA LEU B 87 4.50 10.07 4.85
C LEU B 87 4.03 9.38 3.59
N ASN B 88 4.38 9.96 2.44
CA ASN B 88 3.91 9.46 1.19
C ASN B 88 4.97 8.80 0.31
N PHE B 89 4.57 7.75 -0.38
CA PHE B 89 5.40 7.07 -1.36
C PHE B 89 4.56 6.85 -2.58
N ALA B 90 5.06 7.25 -3.74
CA ALA B 90 4.50 6.85 -5.00
C ALA B 90 5.49 5.92 -5.65
N LEU B 91 5.04 4.76 -6.06
CA LEU B 91 5.87 3.64 -6.45
C LEU B 91 5.56 3.23 -7.87
N VAL B 92 6.60 2.99 -8.65
CA VAL B 92 6.43 2.54 -10.03
C VAL B 92 7.36 1.35 -10.27
N GLY B 93 6.83 0.32 -10.94
CA GLY B 93 7.62 -0.74 -11.53
C GLY B 93 7.41 -0.71 -13.04
N SER B 94 8.33 -1.29 -13.80
CA SER B 94 8.25 -1.25 -15.24
C SER B 94 8.80 -2.56 -15.79
N GLU B 95 8.23 -2.97 -16.94
CA GLU B 95 8.62 -4.22 -17.56
C GLU B 95 8.98 -3.98 -19.02
N ASP B 96 10.22 -4.40 -19.36
CA ASP B 96 10.80 -4.14 -20.66
C ASP B 96 10.83 -5.39 -21.52
N GLY B 97 10.35 -6.52 -21.01
CA GLY B 97 10.46 -7.83 -21.68
C GLY B 97 9.29 -8.76 -21.40
N THR B 98 9.57 -10.04 -21.19
CA THR B 98 8.47 -11.00 -21.12
C THR B 98 8.41 -11.72 -19.79
N ASP B 99 9.36 -11.50 -18.86
CA ASP B 99 9.40 -12.30 -17.64
C ASP B 99 8.47 -11.75 -16.54
N ASN B 100 7.90 -10.55 -16.77
CA ASN B 100 6.98 -9.90 -15.84
C ASN B 100 7.49 -9.79 -14.40
N ASP B 101 8.76 -9.48 -14.21
CA ASP B 101 9.24 -9.16 -12.88
C ASP B 101 8.90 -7.71 -12.52
N TYR B 102 8.63 -6.84 -13.51
CA TYR B 102 8.31 -5.41 -13.34
C TYR B 102 9.31 -4.67 -12.46
N ASN B 103 10.58 -5.09 -12.48
CA ASN B 103 11.64 -4.45 -11.73
C ASN B 103 12.68 -3.84 -12.63
N ASP B 104 12.42 -3.82 -13.93
CA ASP B 104 13.51 -3.45 -14.86
C ASP B 104 13.96 -2.02 -14.60
N ALA B 105 13.03 -1.12 -14.37
CA ALA B 105 13.33 0.14 -13.73
C ALA B 105 12.31 0.23 -12.61
N VAL B 106 12.74 0.61 -11.42
CA VAL B 106 11.86 0.85 -10.30
C VAL B 106 12.01 2.31 -9.92
N VAL B 107 10.90 3.00 -9.71
CA VAL B 107 10.95 4.40 -9.37
C VAL B 107 10.20 4.64 -8.05
N VAL B 108 10.86 5.39 -7.15
CA VAL B 108 10.22 5.78 -5.88
C VAL B 108 10.21 7.29 -5.77
N ILE B 109 9.00 7.83 -5.51
CA ILE B 109 8.77 9.23 -5.25
C ILE B 109 8.37 9.35 -3.79
N ASN B 110 9.02 10.23 -3.05
CA ASN B 110 8.67 10.38 -1.64
C ASN B 110 8.49 11.84 -1.28
N TRP B 111 7.53 12.07 -0.37
CA TRP B 111 7.28 13.41 0.15
C TRP B 111 6.53 13.24 1.45
N PRO B 112 6.54 14.24 2.35
CA PRO B 112 7.27 15.52 2.25
C PRO B 112 8.72 15.37 2.56
N LEU B 113 9.52 16.39 2.16
CA LEU B 113 10.92 16.46 2.48
C LEU B 113 11.15 17.42 3.62
N GLY B 114 12.43 17.48 4.05
CA GLY B 114 12.76 18.49 5.05
C GLY B 114 12.69 18.07 6.50
N ALA C 1 3.65 5.79 16.59
CA ALA C 1 2.97 6.74 15.67
C ALA C 1 1.48 6.58 15.82
N THR C 2 0.78 7.69 15.63
CA THR C 2 -0.68 7.64 15.58
C THR C 2 -1.09 6.74 14.41
N GLN C 3 -2.10 5.90 14.71
CA GLN C 3 -2.65 5.03 13.70
C GLN C 3 -4.17 5.15 13.68
N GLY C 4 -4.78 4.81 12.55
CA GLY C 4 -6.25 4.83 12.45
C GLY C 4 -6.85 6.21 12.15
N VAL C 5 -6.03 7.21 11.83
CA VAL C 5 -6.48 8.58 11.55
C VAL C 5 -6.17 8.87 10.09
N PHE C 6 -7.17 9.34 9.34
CA PHE C 6 -6.98 9.58 7.94
C PHE C 6 -7.58 10.92 7.55
N THR C 7 -6.88 11.65 6.70
CA THR C 7 -7.42 12.88 6.14
C THR C 7 -8.00 12.59 4.76
N LEU C 8 -9.31 12.70 4.64
CA LEU C 8 -10.01 12.54 3.37
C LEU C 8 -10.24 13.91 2.78
N PRO C 9 -10.49 13.97 1.46
CA PRO C 9 -10.92 15.26 0.90
C PRO C 9 -12.21 15.68 1.63
N ALA C 10 -12.39 16.98 1.86
CA ALA C 10 -13.58 17.46 2.51
C ALA C 10 -14.82 17.14 1.66
N ASN C 11 -15.91 16.97 2.35
CA ASN C 11 -17.22 16.74 1.79
C ASN C 11 -17.23 15.61 0.77
N THR C 12 -16.64 14.47 1.13
CA THR C 12 -16.58 13.33 0.24
C THR C 12 -17.28 12.17 0.93
N ARG C 13 -18.04 11.44 0.15
CA ARG C 13 -18.70 10.27 0.66
C ARG C 13 -17.67 9.14 0.75
N PHE C 14 -17.79 8.32 1.79
CA PHE C 14 -16.89 7.19 1.91
C PHE C 14 -17.60 6.02 2.59
N GLY C 15 -17.13 4.78 2.30
CA GLY C 15 -17.65 3.62 2.96
C GLY C 15 -16.75 3.20 4.09
N VAL C 16 -17.34 2.63 5.14
CA VAL C 16 -16.55 2.06 6.20
C VAL C 16 -17.17 0.71 6.54
N THR C 17 -16.27 -0.30 6.62
CA THR C 17 -16.70 -1.69 6.82
C THR C 17 -15.80 -2.35 7.84
N ALA C 18 -16.40 -3.08 8.81
CA ALA C 18 -15.61 -3.72 9.84
C ALA C 18 -15.83 -5.23 9.84
N PHE C 19 -14.76 -5.97 10.05
CA PHE C 19 -14.74 -7.40 10.13
C PHE C 19 -14.21 -7.83 11.48
N ALA C 20 -14.72 -8.93 12.03
CA ALA C 20 -14.20 -9.42 13.31
C ALA C 20 -13.60 -10.83 13.22
N ASN C 21 -12.50 -11.02 13.96
CA ASN C 21 -11.75 -12.28 14.00
C ASN C 21 -11.14 -12.48 15.39
N SER C 22 -11.99 -12.69 16.38
CA SER C 22 -11.56 -12.75 17.77
C SER C 22 -12.64 -13.44 18.62
N SER C 23 -12.25 -14.07 19.74
CA SER C 23 -13.22 -14.49 20.74
C SER C 23 -13.93 -13.32 21.43
N GLY C 24 -13.31 -12.16 21.44
CA GLY C 24 -13.81 -10.97 22.12
C GLY C 24 -14.78 -10.17 21.27
N THR C 25 -15.81 -9.61 21.89
CA THR C 25 -16.69 -8.72 21.15
C THR C 25 -15.90 -7.48 20.77
N GLN C 26 -15.94 -7.11 19.49
CA GLN C 26 -15.30 -5.90 19.00
C GLN C 26 -16.28 -4.75 18.98
N THR C 27 -15.85 -3.57 19.45
CA THR C 27 -16.64 -2.36 19.30
C THR C 27 -15.84 -1.41 18.41
N VAL C 28 -16.40 -1.01 17.27
CA VAL C 28 -15.73 -0.16 16.31
C VAL C 28 -16.51 1.13 16.27
N ASN C 29 -15.80 2.22 16.55
CA ASN C 29 -16.37 3.54 16.45
C ASN C 29 -15.65 4.29 15.36
N VAL C 30 -16.42 4.96 14.52
CA VAL C 30 -15.89 5.74 13.42
C VAL C 30 -16.25 7.19 13.67
N LEU C 31 -15.22 8.02 13.83
CA LEU C 31 -15.41 9.42 14.12
C LEU C 31 -15.14 10.27 12.89
N VAL C 32 -15.96 11.31 12.69
CA VAL C 32 -15.79 12.29 11.66
C VAL C 32 -15.75 13.62 12.39
N ASN C 33 -14.70 14.38 12.15
CA ASN C 33 -14.47 15.63 12.89
C ASN C 33 -14.59 15.40 14.38
N ASN C 34 -13.99 14.32 14.84
CA ASN C 34 -13.92 13.99 16.26
C ASN C 34 -15.27 13.75 16.91
N GLU C 35 -16.32 13.47 16.14
CA GLU C 35 -17.58 13.02 16.71
C GLU C 35 -17.97 11.68 16.12
N THR C 36 -18.52 10.79 16.96
CA THR C 36 -18.92 9.48 16.51
C THR C 36 -19.98 9.58 15.43
N ALA C 37 -19.73 8.89 14.31
CA ALA C 37 -20.66 8.92 13.19
C ALA C 37 -21.20 7.53 12.83
N ALA C 38 -20.52 6.47 13.27
CA ALA C 38 -21.02 5.13 13.10
C ALA C 38 -20.39 4.22 14.14
N THR C 39 -21.16 3.23 14.57
CA THR C 39 -20.69 2.28 15.55
C THR C 39 -21.16 0.88 15.15
N PHE C 40 -20.26 -0.12 15.29
CA PHE C 40 -20.54 -1.51 14.99
C PHE C 40 -20.02 -2.35 16.14
N SER C 41 -20.76 -3.38 16.52
CA SER C 41 -20.31 -4.27 17.58
C SER C 41 -20.58 -5.71 17.14
N GLY C 42 -19.72 -6.62 17.50
CA GLY C 42 -20.04 -8.01 17.20
C GLY C 42 -18.86 -8.90 17.49
N GLN C 43 -19.15 -10.17 17.56
CA GLN C 43 -18.16 -11.17 17.82
C GLN C 43 -18.19 -12.18 16.66
N SER C 44 -17.02 -12.50 16.12
CA SER C 44 -16.85 -13.49 15.09
C SER C 44 -15.42 -13.99 15.15
N THR C 45 -15.23 -15.27 14.85
CA THR C 45 -13.93 -15.80 14.53
C THR C 45 -13.86 -16.21 13.07
N ASN C 46 -14.80 -15.71 12.23
CA ASN C 46 -14.87 -16.12 10.84
C ASN C 46 -15.11 -14.90 9.93
N ASN C 47 -14.59 -13.73 10.33
CA ASN C 47 -14.56 -12.57 9.45
C ASN C 47 -15.94 -12.05 9.10
N ALA C 48 -16.87 -12.17 10.02
CA ALA C 48 -18.15 -11.56 9.79
C ALA C 48 -18.04 -10.05 9.54
N VAL C 49 -18.92 -9.52 8.74
CA VAL C 49 -18.99 -8.11 8.51
C VAL C 49 -19.88 -7.56 9.62
N ILE C 50 -19.28 -7.09 10.69
CA ILE C 50 -20.04 -6.63 11.84
C ILE C 50 -20.75 -5.32 11.59
N GLY C 51 -20.34 -4.59 10.57
CA GLY C 51 -21.15 -3.48 10.10
C GLY C 51 -20.52 -2.81 8.90
N THR C 52 -21.37 -2.13 8.11
CA THR C 52 -20.88 -1.32 7.00
C THR C 52 -21.81 -0.13 6.93
N GLN C 53 -21.24 1.02 6.58
CA GLN C 53 -22.05 2.23 6.52
C GLN C 53 -21.42 3.20 5.53
N VAL C 54 -22.21 4.12 5.02
N VAL C 54 -22.21 4.12 5.01
CA VAL C 54 -21.72 5.19 4.20
CA VAL C 54 -21.73 5.20 4.18
C VAL C 54 -21.84 6.49 4.97
C VAL C 54 -21.84 6.49 4.97
N LEU C 55 -20.78 7.28 4.90
CA LEU C 55 -20.61 8.52 5.63
C LEU C 55 -20.08 9.62 4.72
N ASN C 56 -20.07 10.84 5.23
CA ASN C 56 -19.49 11.97 4.51
C ASN C 56 -18.37 12.52 5.41
N SER C 57 -17.24 12.85 4.80
CA SER C 57 -16.06 13.35 5.48
C SER C 57 -16.30 14.75 6.04
N GLY C 58 -17.33 15.45 5.52
CA GLY C 58 -17.69 16.77 6.03
C GLY C 58 -16.61 17.81 5.83
N SER C 59 -16.78 18.92 6.58
CA SER C 59 -15.92 20.07 6.36
C SER C 59 -14.45 19.83 6.66
N SER C 60 -14.14 19.00 7.67
CA SER C 60 -12.79 18.76 8.14
C SER C 60 -12.03 17.71 7.33
N GLY C 61 -12.77 16.75 6.75
CA GLY C 61 -12.13 15.59 6.18
C GLY C 61 -11.41 14.67 7.17
N LYS C 62 -11.56 14.89 8.47
CA LYS C 62 -10.87 14.06 9.45
C LYS C 62 -11.70 12.85 9.85
N VAL C 63 -11.16 11.67 9.63
CA VAL C 63 -11.83 10.43 9.92
C VAL C 63 -10.92 9.60 10.80
N GLN C 64 -11.45 9.07 11.89
CA GLN C 64 -10.70 8.29 12.84
C GLN C 64 -11.45 6.99 13.14
N VAL C 65 -10.73 5.88 13.15
CA VAL C 65 -11.27 4.59 13.57
C VAL C 65 -10.73 4.23 14.95
N GLN C 66 -11.66 3.88 15.88
CA GLN C 66 -11.23 3.34 17.16
C GLN C 66 -11.80 1.95 17.34
N VAL C 67 -11.04 1.10 17.98
CA VAL C 67 -11.49 -0.24 18.25
C VAL C 67 -11.26 -0.56 19.71
N SER C 68 -12.27 -1.08 20.36
N SER C 68 -12.28 -1.07 20.38
CA SER C 68 -12.09 -1.50 21.75
CA SER C 68 -12.13 -1.48 21.77
C SER C 68 -12.80 -2.82 22.01
C SER C 68 -12.80 -2.83 21.99
N VAL C 69 -12.35 -3.54 23.04
CA VAL C 69 -12.97 -4.77 23.48
C VAL C 69 -13.30 -4.60 24.96
N ASN C 70 -14.58 -4.63 25.27
CA ASN C 70 -15.06 -4.44 26.61
C ASN C 70 -14.43 -3.21 27.26
N GLY C 71 -14.40 -2.13 26.49
CA GLY C 71 -13.94 -0.86 27.01
C GLY C 71 -12.43 -0.64 26.95
N ARG C 72 -11.66 -1.65 26.57
CA ARG C 72 -10.20 -1.48 26.49
C ARG C 72 -9.83 -1.29 25.02
N PRO C 73 -9.15 -0.20 24.69
CA PRO C 73 -8.70 0.08 23.32
C PRO C 73 -7.71 -0.94 22.83
N SER C 74 -7.93 -1.41 21.61
CA SER C 74 -7.00 -2.29 20.96
C SER C 74 -5.87 -1.48 20.33
N ASP C 75 -4.74 -2.15 20.16
CA ASP C 75 -3.61 -1.52 19.46
C ASP C 75 -3.90 -1.51 17.97
N LEU C 76 -3.66 -0.37 17.32
CA LEU C 76 -4.01 -0.25 15.92
C LEU C 76 -2.81 -0.22 14.98
N VAL C 77 -3.02 -0.75 13.75
CA VAL C 77 -2.08 -0.59 12.66
C VAL C 77 -2.89 -0.06 11.46
N SER C 78 -2.27 0.81 10.63
CA SER C 78 -3.02 1.35 9.53
C SER C 78 -2.11 1.82 8.41
N ALA C 79 -2.75 2.08 7.25
CA ALA C 79 -2.07 2.70 6.12
C ALA C 79 -3.14 3.12 5.13
N GLN C 80 -2.79 3.96 4.16
CA GLN C 80 -3.68 4.33 3.08
C GLN C 80 -3.01 3.99 1.75
N VAL C 81 -3.78 3.42 0.83
N VAL C 81 -3.79 3.43 0.82
CA VAL C 81 -3.27 3.02 -0.48
CA VAL C 81 -3.30 3.01 -0.48
C VAL C 81 -4.18 3.65 -1.54
C VAL C 81 -4.20 3.65 -1.52
N ILE C 82 -3.57 4.12 -2.60
CA ILE C 82 -4.26 4.73 -3.75
C ILE C 82 -3.89 4.00 -5.01
N LEU C 83 -4.89 3.52 -5.73
CA LEU C 83 -4.71 2.83 -7.00
C LEU C 83 -5.16 3.72 -8.15
N THR C 84 -4.41 3.65 -9.25
CA THR C 84 -4.60 4.45 -10.46
C THR C 84 -4.93 5.92 -10.15
N ASN C 85 -4.29 6.47 -9.11
CA ASN C 85 -4.40 7.85 -8.74
C ASN C 85 -5.83 8.30 -8.39
N GLU C 86 -6.71 7.32 -8.11
CA GLU C 86 -8.13 7.67 -7.99
C GLU C 86 -8.85 6.86 -6.91
N LEU C 87 -8.49 5.60 -6.75
CA LEU C 87 -9.25 4.72 -5.87
C LEU C 87 -8.51 4.59 -4.53
N ASN C 88 -9.18 4.96 -3.43
CA ASN C 88 -8.50 5.06 -2.15
C ASN C 88 -9.01 4.03 -1.15
N PHE C 89 -8.10 3.44 -0.43
CA PHE C 89 -8.42 2.56 0.68
C PHE C 89 -7.66 3.07 1.90
N ALA C 90 -8.37 3.16 3.01
CA ALA C 90 -7.71 3.39 4.30
C ALA C 90 -7.93 2.13 5.11
N LEU C 91 -6.84 1.52 5.57
CA LEU C 91 -6.88 0.17 6.13
C LEU C 91 -6.47 0.19 7.58
N VAL C 92 -7.22 -0.55 8.41
CA VAL C 92 -6.96 -0.64 9.84
C VAL C 92 -6.96 -2.07 10.30
N GLY C 93 -5.92 -2.47 11.04
CA GLY C 93 -5.99 -3.72 11.80
C GLY C 93 -5.86 -3.43 13.29
N SER C 94 -6.23 -4.41 14.10
CA SER C 94 -6.25 -4.12 15.53
C SER C 94 -5.93 -5.42 16.25
N GLU C 95 -5.26 -5.27 17.39
CA GLU C 95 -4.91 -6.43 18.22
C GLU C 95 -5.44 -6.20 19.63
N ASP C 96 -6.22 -7.18 20.11
CA ASP C 96 -6.89 -7.09 21.39
C ASP C 96 -6.23 -8.02 22.44
N GLY C 97 -5.13 -8.69 22.09
CA GLY C 97 -4.53 -9.73 22.94
C GLY C 97 -3.00 -9.76 22.75
N THR C 98 -2.47 -10.99 22.75
CA THR C 98 -1.03 -11.15 22.74
C THR C 98 -0.50 -11.84 21.48
N ASP C 99 -1.34 -12.44 20.60
CA ASP C 99 -0.84 -13.23 19.50
C ASP C 99 -0.37 -12.40 18.30
N ASN C 100 -0.68 -11.11 18.28
CA ASN C 100 -0.23 -10.17 17.25
C ASN C 100 -0.62 -10.64 15.85
N ASP C 101 -1.83 -11.20 15.71
CA ASP C 101 -2.40 -11.37 14.37
C ASP C 101 -2.99 -10.07 13.79
N TYR C 102 -3.30 -9.08 14.62
CA TYR C 102 -3.81 -7.78 14.18
C TYR C 102 -5.03 -7.88 13.28
N ASN C 103 -5.84 -8.94 13.49
CA ASN C 103 -7.03 -9.10 12.70
C ASN C 103 -8.28 -9.13 13.57
N ASP C 104 -8.16 -8.73 14.82
CA ASP C 104 -9.25 -8.99 15.77
C ASP C 104 -10.45 -8.17 15.34
N ALA C 105 -10.21 -6.92 14.95
CA ALA C 105 -11.16 -6.18 14.14
C ALA C 105 -10.36 -5.62 12.98
N VAL C 106 -10.91 -5.69 11.77
CA VAL C 106 -10.28 -5.15 10.58
C VAL C 106 -11.24 -4.14 10.00
N VAL C 107 -10.75 -2.96 9.69
CA VAL C 107 -11.65 -1.93 9.22
C VAL C 107 -11.13 -1.38 7.91
N VAL C 108 -12.06 -1.30 6.92
CA VAL C 108 -11.67 -0.82 5.61
C VAL C 108 -12.54 0.35 5.25
N ILE C 109 -11.89 1.44 4.89
CA ILE C 109 -12.53 2.63 4.40
C ILE C 109 -12.22 2.79 2.91
N ASN C 110 -13.26 3.08 2.10
CA ASN C 110 -13.03 3.23 0.69
C ASN C 110 -13.72 4.44 0.13
N TRP C 111 -13.03 5.10 -0.79
CA TRP C 111 -13.63 6.20 -1.51
C TRP C 111 -12.92 6.34 -2.83
N PRO C 112 -13.51 7.01 -3.83
CA PRO C 112 -14.86 7.58 -3.83
C PRO C 112 -15.93 6.55 -4.00
N LEU C 113 -17.13 7.01 -3.72
CA LEU C 113 -18.33 6.20 -3.91
C LEU C 113 -19.07 6.68 -5.15
N GLY C 114 -20.10 5.91 -5.51
CA GLY C 114 -21.02 6.31 -6.57
C GLY C 114 -20.68 5.76 -7.95
N ALA D 1 -0.06 -4.47 -17.17
CA ALA D 1 0.22 -5.57 -16.23
C ALA D 1 -1.04 -6.30 -15.82
N THR D 2 -0.86 -7.58 -15.51
CA THR D 2 -1.96 -8.39 -14.98
C THR D 2 -2.35 -7.77 -13.66
N GLN D 3 -3.65 -7.78 -13.42
CA GLN D 3 -4.18 -7.24 -12.20
C GLN D 3 -5.23 -8.21 -11.68
N GLY D 4 -5.47 -8.11 -10.38
CA GLY D 4 -6.46 -8.95 -9.75
C GLY D 4 -6.04 -10.36 -9.41
N VAL D 5 -4.76 -10.69 -9.56
CA VAL D 5 -4.24 -12.00 -9.22
C VAL D 5 -3.33 -11.90 -8.02
N PHE D 6 -3.52 -12.82 -7.07
CA PHE D 6 -2.78 -12.75 -5.81
C PHE D 6 -2.33 -14.16 -5.45
N THR D 7 -1.11 -14.29 -4.91
CA THR D 7 -0.65 -15.52 -4.30
C THR D 7 -0.81 -15.41 -2.80
N LEU D 8 -1.65 -16.26 -2.24
CA LEU D 8 -1.88 -16.39 -0.82
C LEU D 8 -1.05 -17.57 -0.33
N PRO D 9 -0.79 -17.65 0.97
CA PRO D 9 -0.22 -18.87 1.51
C PRO D 9 -1.18 -20.01 1.22
N ALA D 10 -0.67 -21.24 1.03
CA ALA D 10 -1.50 -22.40 0.72
C ALA D 10 -2.41 -22.75 1.89
N ASN D 11 -3.56 -23.33 1.56
CA ASN D 11 -4.47 -23.90 2.54
C ASN D 11 -4.82 -22.96 3.66
N THR D 12 -5.11 -21.69 3.32
CA THR D 12 -5.37 -20.66 4.31
C THR D 12 -6.75 -20.08 4.03
N ARG D 13 -7.52 -19.90 5.10
CA ARG D 13 -8.81 -19.21 4.93
C ARG D 13 -8.57 -17.74 4.65
N PHE D 14 -9.42 -17.15 3.83
CA PHE D 14 -9.37 -15.73 3.56
C PHE D 14 -10.79 -15.21 3.38
N GLY D 15 -10.96 -13.93 3.66
CA GLY D 15 -12.24 -13.29 3.45
C GLY D 15 -12.25 -12.61 2.11
N VAL D 16 -13.42 -12.60 1.43
CA VAL D 16 -13.58 -11.83 0.20
C VAL D 16 -14.89 -11.09 0.33
N THR D 17 -14.87 -9.79 0.02
CA THR D 17 -16.04 -8.94 0.17
C THR D 17 -16.06 -8.03 -1.04
N ALA D 18 -17.25 -7.85 -1.62
CA ALA D 18 -17.39 -6.98 -2.76
C ALA D 18 -18.43 -5.88 -2.52
N PHE D 19 -18.12 -4.70 -3.02
CA PHE D 19 -18.95 -3.51 -2.95
C PHE D 19 -19.25 -3.04 -4.37
N ALA D 20 -20.46 -2.48 -4.56
CA ALA D 20 -20.81 -1.91 -5.85
C ALA D 20 -21.05 -0.41 -5.82
N ASN D 21 -20.62 0.26 -6.88
CA ASN D 21 -20.81 1.69 -7.08
C ASN D 21 -20.96 2.01 -8.56
N SER D 22 -22.08 1.59 -9.10
CA SER D 22 -22.35 1.68 -10.53
C SER D 22 -23.84 1.53 -10.75
N SER D 23 -24.29 2.14 -11.84
CA SER D 23 -25.69 1.90 -12.22
C SER D 23 -25.93 0.53 -12.84
N GLY D 24 -24.91 -0.22 -13.21
CA GLY D 24 -25.18 -1.55 -13.75
C GLY D 24 -24.91 -2.64 -12.71
N THR D 25 -25.67 -3.72 -12.76
CA THR D 25 -25.41 -4.89 -11.90
C THR D 25 -23.98 -5.35 -12.16
N GLN D 26 -23.21 -5.59 -11.08
CA GLN D 26 -21.85 -6.15 -11.15
C GLN D 26 -21.88 -7.64 -10.91
N THR D 27 -21.03 -8.35 -11.65
CA THR D 27 -20.85 -9.78 -11.43
C THR D 27 -19.38 -10.00 -11.08
N VAL D 28 -19.11 -10.46 -9.86
CA VAL D 28 -17.74 -10.66 -9.42
C VAL D 28 -17.49 -12.15 -9.32
N ASN D 29 -16.47 -12.62 -10.01
N ASN D 29 -16.46 -12.60 -10.01
CA ASN D 29 -16.05 -14.00 -9.92
CA ASN D 29 -16.03 -13.98 -9.91
C ASN D 29 -14.75 -14.07 -9.15
C ASN D 29 -14.71 -14.06 -9.15
N VAL D 30 -14.68 -14.97 -8.18
CA VAL D 30 -13.45 -15.25 -7.44
C VAL D 30 -13.01 -16.64 -7.83
N LEU D 31 -11.83 -16.74 -8.44
CA LEU D 31 -11.27 -18.02 -8.87
C LEU D 31 -10.17 -18.41 -7.89
N VAL D 32 -10.18 -19.67 -7.49
CA VAL D 32 -9.09 -20.29 -6.73
C VAL D 32 -8.53 -21.44 -7.57
N ASN D 33 -7.26 -21.44 -7.82
CA ASN D 33 -6.63 -22.43 -8.70
C ASN D 33 -7.34 -22.48 -10.07
N ASN D 34 -7.68 -21.28 -10.57
CA ASN D 34 -8.29 -21.06 -11.88
C ASN D 34 -9.69 -21.62 -12.00
N GLU D 35 -10.34 -21.94 -10.90
CA GLU D 35 -11.70 -22.42 -10.89
C GLU D 35 -12.59 -21.57 -9.99
N THR D 36 -13.86 -21.39 -10.39
CA THR D 36 -14.75 -20.51 -9.65
C THR D 36 -14.93 -21.05 -8.23
N ALA D 37 -14.73 -20.17 -7.24
CA ALA D 37 -14.94 -20.50 -5.86
C ALA D 37 -16.07 -19.71 -5.22
N ALA D 38 -16.34 -18.50 -5.75
CA ALA D 38 -17.47 -17.69 -5.33
C ALA D 38 -17.85 -16.79 -6.49
N THR D 39 -19.15 -16.45 -6.54
CA THR D 39 -19.68 -15.48 -7.47
C THR D 39 -20.62 -14.56 -6.68
N PHE D 40 -20.49 -13.27 -6.90
CA PHE D 40 -21.33 -12.28 -6.28
C PHE D 40 -22.00 -11.43 -7.37
N SER D 41 -23.27 -11.10 -7.19
CA SER D 41 -23.95 -10.25 -8.17
C SER D 41 -24.80 -9.27 -7.38
N GLY D 42 -24.78 -8.01 -7.79
CA GLY D 42 -25.62 -7.00 -7.15
C GLY D 42 -25.48 -5.65 -7.82
N GLN D 43 -26.30 -4.71 -7.40
CA GLN D 43 -26.24 -3.38 -7.99
C GLN D 43 -26.43 -2.37 -6.86
N SER D 44 -25.57 -1.36 -6.86
CA SER D 44 -25.68 -0.26 -5.94
C SER D 44 -24.89 0.90 -6.50
N THR D 45 -25.33 2.15 -6.22
CA THR D 45 -24.49 3.32 -6.40
C THR D 45 -24.10 3.88 -5.04
N ASN D 46 -24.27 3.11 -3.99
N ASN D 46 -24.26 3.10 -3.98
CA ASN D 46 -24.01 3.62 -2.64
CA ASN D 46 -24.04 3.59 -2.63
C ASN D 46 -23.21 2.60 -1.83
C ASN D 46 -23.21 2.60 -1.82
N ASN D 47 -22.27 1.89 -2.49
CA ASN D 47 -21.29 1.04 -1.83
C ASN D 47 -21.89 -0.17 -1.16
N ALA D 48 -23.08 -0.62 -1.58
CA ALA D 48 -23.60 -1.79 -0.91
C ALA D 48 -22.63 -2.95 -1.02
N VAL D 49 -22.61 -3.79 0.03
CA VAL D 49 -21.93 -5.05 0.01
C VAL D 49 -22.78 -6.00 -0.80
N ILE D 50 -22.30 -6.42 -1.96
CA ILE D 50 -23.01 -7.34 -2.85
C ILE D 50 -22.66 -8.80 -2.59
N GLY D 51 -21.60 -9.04 -1.83
CA GLY D 51 -21.35 -10.37 -1.35
C GLY D 51 -20.14 -10.38 -0.42
N THR D 52 -20.13 -11.42 0.40
CA THR D 52 -19.01 -11.63 1.33
C THR D 52 -18.98 -13.11 1.66
N GLN D 53 -17.77 -13.68 1.70
CA GLN D 53 -17.65 -15.10 1.92
C GLN D 53 -16.30 -15.40 2.49
N VAL D 54 -16.18 -16.52 3.18
CA VAL D 54 -14.89 -17.05 3.58
C VAL D 54 -14.57 -18.22 2.65
N LEU D 55 -13.38 -18.22 2.09
CA LEU D 55 -12.90 -19.21 1.15
C LEU D 55 -11.58 -19.78 1.67
N ASN D 56 -11.11 -20.83 1.01
CA ASN D 56 -9.81 -21.44 1.32
C ASN D 56 -8.92 -21.33 0.10
N SER D 57 -7.67 -20.89 0.30
CA SER D 57 -6.76 -20.69 -0.81
C SER D 57 -6.35 -22.01 -1.49
N GLY D 58 -6.53 -23.11 -0.77
CA GLY D 58 -6.27 -24.43 -1.33
C GLY D 58 -4.81 -24.65 -1.66
N SER D 59 -4.57 -25.71 -2.42
CA SER D 59 -3.18 -26.17 -2.64
C SER D 59 -2.36 -25.19 -3.45
N SER D 60 -3.00 -24.38 -4.31
CA SER D 60 -2.27 -23.51 -5.20
C SER D 60 -1.93 -22.17 -4.58
N GLY D 61 -2.79 -21.71 -3.68
CA GLY D 61 -2.68 -20.34 -3.19
C GLY D 61 -3.08 -19.28 -4.21
N LYS D 62 -3.49 -19.66 -5.41
CA LYS D 62 -3.70 -18.68 -6.48
C LYS D 62 -5.15 -18.20 -6.47
N VAL D 63 -5.32 -16.89 -6.19
CA VAL D 63 -6.64 -16.32 -6.15
C VAL D 63 -6.70 -15.26 -7.24
N GLN D 64 -7.78 -15.25 -8.00
CA GLN D 64 -7.97 -14.26 -9.03
C GLN D 64 -9.37 -13.69 -8.94
N VAL D 65 -9.50 -12.38 -9.04
CA VAL D 65 -10.76 -11.70 -9.09
C VAL D 65 -11.00 -11.26 -10.51
N GLN D 66 -12.23 -11.51 -11.00
CA GLN D 66 -12.66 -10.94 -12.30
C GLN D 66 -13.98 -10.23 -12.09
N VAL D 67 -14.23 -9.20 -12.87
CA VAL D 67 -15.47 -8.46 -12.76
C VAL D 67 -16.03 -8.23 -14.15
N SER D 68 -17.28 -8.58 -14.29
CA SER D 68 -17.96 -8.35 -15.53
C SER D 68 -19.31 -7.67 -15.30
N VAL D 69 -19.74 -6.97 -16.35
CA VAL D 69 -21.00 -6.26 -16.30
C VAL D 69 -21.73 -6.62 -17.56
N ASN D 70 -22.96 -7.10 -17.41
CA ASN D 70 -23.83 -7.39 -18.53
C ASN D 70 -23.03 -8.20 -19.53
N GLY D 71 -22.15 -9.08 -19.04
CA GLY D 71 -21.32 -9.88 -19.89
C GLY D 71 -19.85 -9.44 -20.18
N ARG D 72 -19.55 -8.18 -20.00
CA ARG D 72 -18.32 -7.61 -20.54
C ARG D 72 -17.31 -7.38 -19.40
N PRO D 73 -16.07 -7.78 -19.65
CA PRO D 73 -15.02 -7.67 -18.63
C PRO D 73 -14.68 -6.25 -18.29
N SER D 74 -14.66 -5.94 -17.00
CA SER D 74 -14.26 -4.63 -16.55
C SER D 74 -12.75 -4.56 -16.46
N ASP D 75 -12.21 -3.34 -16.63
CA ASP D 75 -10.78 -3.11 -16.45
C ASP D 75 -10.45 -3.10 -14.96
N LEU D 76 -9.38 -3.78 -14.57
CA LEU D 76 -9.05 -3.93 -13.16
C LEU D 76 -7.80 -3.14 -12.75
N VAL D 77 -7.78 -2.76 -11.48
N VAL D 77 -7.79 -2.69 -11.49
CA VAL D 77 -6.58 -2.25 -10.82
CA VAL D 77 -6.59 -2.23 -10.79
C VAL D 77 -6.48 -2.99 -9.50
C VAL D 77 -6.49 -3.00 -9.48
N SER D 78 -5.27 -3.25 -9.00
CA SER D 78 -5.10 -4.00 -7.77
C SER D 78 -3.75 -3.77 -7.13
N ALA D 79 -3.69 -4.17 -5.84
CA ALA D 79 -2.43 -4.24 -5.12
C ALA D 79 -2.61 -5.05 -3.85
N GLN D 80 -1.51 -5.46 -3.25
CA GLN D 80 -1.54 -6.11 -1.93
C GLN D 80 -0.74 -5.26 -0.97
N VAL D 81 -1.28 -5.11 0.25
CA VAL D 81 -0.61 -4.37 1.32
C VAL D 81 -0.52 -5.23 2.56
N ILE D 82 0.61 -5.23 3.23
CA ILE D 82 0.81 -5.98 4.47
C ILE D 82 1.13 -5.00 5.59
N LEU D 83 0.37 -5.08 6.68
CA LEU D 83 0.64 -4.24 7.85
C LEU D 83 1.25 -5.08 8.98
N THR D 84 2.19 -4.47 9.70
CA THR D 84 2.95 -5.09 10.81
C THR D 84 3.44 -6.51 10.52
N ASN D 85 3.76 -6.75 9.24
CA ASN D 85 4.32 -8.01 8.76
C ASN D 85 3.38 -9.20 9.03
N GLU D 86 2.06 -8.93 9.22
CA GLU D 86 1.14 -9.96 9.64
C GLU D 86 -0.21 -9.89 8.90
N LEU D 87 -0.71 -8.70 8.63
CA LEU D 87 -2.10 -8.50 8.21
C LEU D 87 -2.14 -8.14 6.76
N ASN D 88 -2.82 -8.98 5.96
CA ASN D 88 -2.78 -8.84 4.53
C ASN D 88 -4.09 -8.37 3.95
N PHE D 89 -3.98 -7.47 3.00
CA PHE D 89 -5.11 -7.03 2.21
C PHE D 89 -4.75 -7.14 0.73
N ALA D 90 -5.64 -7.75 -0.03
CA ALA D 90 -5.54 -7.74 -1.48
C ALA D 90 -6.74 -6.96 -1.99
N LEU D 91 -6.48 -5.91 -2.77
CA LEU D 91 -7.47 -4.91 -3.08
C LEU D 91 -7.64 -4.83 -4.60
N VAL D 92 -8.90 -4.76 -5.02
CA VAL D 92 -9.23 -4.65 -6.44
C VAL D 92 -10.25 -3.57 -6.65
N GLY D 93 -9.98 -2.74 -7.69
CA GLY D 93 -10.99 -1.89 -8.26
C GLY D 93 -11.30 -2.25 -9.69
N SER D 94 -12.45 -1.81 -10.20
CA SER D 94 -12.83 -2.19 -11.53
C SER D 94 -13.62 -1.04 -12.14
N GLU D 95 -13.48 -0.91 -13.48
CA GLU D 95 -14.09 0.19 -14.22
C GLU D 95 -14.91 -0.40 -15.36
N ASP D 96 -16.19 -0.02 -15.41
CA ASP D 96 -17.11 -0.58 -16.40
C ASP D 96 -17.54 0.48 -17.41
N GLY D 97 -17.00 1.68 -17.30
CA GLY D 97 -17.50 2.81 -18.10
C GLY D 97 -16.40 3.79 -18.47
N THR D 98 -16.77 5.09 -18.40
CA THR D 98 -15.96 6.17 -18.96
C THR D 98 -15.31 7.10 -17.95
N ASP D 99 -15.68 7.02 -16.67
CA ASP D 99 -15.26 8.03 -15.72
C ASP D 99 -13.95 7.72 -14.98
N ASN D 100 -13.43 6.52 -15.15
CA ASN D 100 -12.20 6.12 -14.50
C ASN D 100 -12.25 6.35 -13.01
N ASP D 101 -13.37 6.03 -12.35
CA ASP D 101 -13.39 6.01 -10.90
C ASP D 101 -12.91 4.66 -10.30
N TYR D 102 -12.92 3.57 -11.10
CA TYR D 102 -12.46 2.26 -10.68
C TYR D 102 -13.10 1.75 -9.43
N ASN D 103 -14.33 2.17 -9.14
CA ASN D 103 -15.01 1.76 -7.93
C ASN D 103 -16.29 0.99 -8.27
N ASP D 104 -16.47 0.59 -9.53
CA ASP D 104 -17.72 0.05 -10.00
C ASP D 104 -18.10 -1.23 -9.29
N ALA D 105 -17.10 -2.08 -9.14
CA ALA D 105 -17.06 -3.09 -8.12
C ALA D 105 -15.70 -2.97 -7.45
N VAL D 106 -15.72 -3.00 -6.13
CA VAL D 106 -14.52 -2.97 -5.33
C VAL D 106 -14.47 -4.26 -4.56
N VAL D 107 -13.32 -4.91 -4.61
CA VAL D 107 -13.16 -6.18 -3.94
C VAL D 107 -12.03 -6.12 -2.91
N VAL D 108 -12.32 -6.63 -1.70
CA VAL D 108 -11.32 -6.63 -0.63
C VAL D 108 -11.17 -8.03 -0.14
N ILE D 109 -9.95 -8.52 -0.18
CA ILE D 109 -9.53 -9.84 0.29
C ILE D 109 -8.67 -9.61 1.50
N ASN D 110 -8.94 -10.35 2.57
CA ASN D 110 -8.11 -10.19 3.75
C ASN D 110 -7.76 -11.52 4.39
N TRP D 111 -6.55 -11.61 4.96
CA TRP D 111 -6.11 -12.79 5.65
C TRP D 111 -4.98 -12.38 6.57
N PRO D 112 -4.65 -13.20 7.58
CA PRO D 112 -5.40 -14.36 8.04
C PRO D 112 -6.67 -14.05 8.82
N LEU D 113 -7.50 -15.09 8.93
CA LEU D 113 -8.75 -15.01 9.67
C LEU D 113 -8.56 -15.67 11.02
N GLY D 114 -9.61 -15.58 11.84
CA GLY D 114 -9.63 -16.26 13.12
C GLY D 114 -8.86 -15.60 14.28
CA CA E . 12.04 15.77 8.93
CA CA F . 10.69 14.78 12.28
S SO4 G . 14.38 18.54 12.63
O1 SO4 G . 12.96 18.11 12.42
O2 SO4 G . 14.37 19.71 13.47
O3 SO4 G . 15.04 17.38 13.32
O4 SO4 G . 14.94 18.87 11.38
CA CA H . 14.45 -7.52 -14.36
CA CA I . 11.62 -7.87 -16.81
S SO4 J . 16.55 -9.02 -18.84
O1 SO4 J . 15.18 -8.77 -18.32
O2 SO4 J . 16.71 -8.26 -20.10
O3 SO4 J . 17.54 -8.65 -17.87
O4 SO4 J . 16.71 -10.49 -19.05
CA CA K . -7.61 -12.88 15.83
CA CA L . -5.22 -11.18 18.17
S SO4 M . -20.18 -15.68 11.99
O1 SO4 M . -21.19 -16.61 12.51
O2 SO4 M . -20.77 -14.67 11.15
O3 SO4 M . -19.45 -14.95 13.11
O4 SO4 M . -19.24 -16.44 11.23
S SO4 N . -8.50 -14.90 20.63
O1 SO4 N . -9.38 -14.13 21.48
O2 SO4 N . -9.30 -15.55 19.57
O3 SO4 N . -7.38 -14.12 20.07
O4 SO4 N . -7.89 -15.97 21.38
CA CA O . -18.61 4.20 -10.12
CA CA P . -16.80 3.90 -13.38
N1 R7E Q . -21.81 2.62 -14.97
C4 R7E Q . -20.97 5.59 -12.11
C5 R7E Q . -22.33 5.40 -12.77
C6 R7E Q . -23.48 5.50 -11.81
C7 R7E Q . -22.61 2.61 -16.04
C8 R7E Q . -22.92 1.32 -16.61
C10 R7E Q . -23.26 -0.78 -17.23
C13 R7E Q . -25.00 0.74 -20.15
C15 R7E Q . -26.29 -0.74 -21.52
C17 R7E Q . -25.29 -1.56 -19.47
C1 R7E Q . -21.48 3.83 -14.35
O5 R7E Q . -22.46 4.09 -13.34
C3 R7E Q . -19.89 5.18 -13.07
O3 R7E Q . -18.66 5.25 -12.37
C2 R7E Q . -20.12 3.79 -13.63
O2 R7E Q . -19.04 3.56 -14.53
O4 R7E Q . -20.85 4.79 -10.95
O7 R7E Q . -23.05 3.64 -16.58
O8 R7E Q . -23.80 1.31 -17.72
C11 R7E Q . -23.96 0.00 -18.07
C9 R7E Q . -22.62 0.07 -16.28
C12 R7E Q . -24.80 -0.28 -19.23
C16 R7E Q . -26.05 -1.77 -20.60
C14 R7E Q . -25.80 0.53 -21.28
C18 R7E Q . -26.00 1.65 -22.28
N2 R7E Q . -27.06 2.59 -21.86
S SO4 R . -6.76 -28.97 -3.22
O1 SO4 R . -6.33 -29.83 -2.05
O2 SO4 R . -8.09 -29.38 -3.73
O3 SO4 R . -6.83 -27.52 -2.84
O4 SO4 R . -5.84 -29.14 -4.36
#